data_7L6T
#
_entry.id   7L6T
#
_cell.length_a   169.351
_cell.length_b   169.351
_cell.length_c   52.629
_cell.angle_alpha   90.000
_cell.angle_beta   90.000
_cell.angle_gamma   120.000
#
_symmetry.space_group_name_H-M   'P 31 2 1'
#
loop_
_entity.id
_entity.type
_entity.pdbx_description
1 polymer "2'-O-methyltransferase"
2 polymer 'Non-structural protein 10'
3 polymer "RNA (5'-D(*(M7G))-R(P*(A2M)P*UP*UP*A)-3')"
4 non-polymer 'MAGNESIUM ION'
5 non-polymer 'CHLORIDE ION'
6 non-polymer 'FORMIC ACID'
7 non-polymer S-ADENOSYL-L-HOMOCYSTEINE
8 non-polymer alpha-D-glucopyranose
9 non-polymer 'ZINC ION'
10 non-polymer beta-D-fructopyranose
11 water water
#
loop_
_entity_poly.entity_id
_entity_poly.type
_entity_poly.pdbx_seq_one_letter_code
_entity_poly.pdbx_strand_id
1 'polypeptide(L)'
;SNSSQAWQPGVAMPNLYKMQRMLLEKCDLQNYGDSATLPKGIMMNVAKYTQLCQYLNTLTLAVPYNMRVIHFGAGSDKGV
APGTAVLRQWLPTGTLLVDSDLNDFVSDADSTLIGDCATVHTANKWDLIISDMYDPKTKNVTKENDSKEGFFTYICGFIQ
QKLALGGSVAIKITEHSWNADLYKLMGHFAWWTAFVTNVNASSSEAFLIGCNYLGKPREQIDGYVMHANYIFWRNTNPIQ
LSSYSLFDMSKFPLKLRGTAVMSLKEGQINDMILSLLSKGRLIIRENNRVVISSDVLVNN
;
A
2 'polypeptide(L)'
;SNAGNATEVPANSTVLSFCAFAVDAAKAYKDYLASGGQPITNCVKMLCTHTGTGQAITVTPEANMDQESFGGASCCLYCR
CHIDHPNPKGFCDLKGKYVQIPTTCANDPVGFTLKNTVCTVCGMWKGYGCSCDQLREPMLQ
;
B
3 'polyribonucleotide' (M7G)(A2M)UUAAA C
#
loop_
_chem_comp.id
_chem_comp.type
_chem_comp.name
_chem_comp.formula
A RNA linking ADENOSINE-5'-MONOPHOSPHATE 'C10 H14 N5 O7 P'
A2M RNA linking '2'-O-methyladenosine 5'-(dihydrogen phosphate)' 'C11 H16 N5 O7 P'
BDF D-saccharide, beta linking beta-D-fructopyranose 'C6 H12 O6'
CL non-polymer 'CHLORIDE ION' 'Cl -1'
FMT non-polymer 'FORMIC ACID' 'C H2 O2'
GLC D-saccharide, alpha linking alpha-D-glucopyranose 'C6 H12 O6'
M7G non-polymer 7N-METHYL-8-HYDROGUANOSINE-5'-DIPHOSPHATE 'C11 H18 N5 O11 P2 1'
MG non-polymer 'MAGNESIUM ION' 'Mg 2'
U RNA linking URIDINE-5'-MONOPHOSPHATE 'C9 H13 N2 O9 P'
ZN non-polymer 'ZINC ION' 'Zn 2'
#
# COMPACT_ATOMS: atom_id res chain seq x y z
N ASN A 2 -26.11 -0.41 7.31
CA ASN A 2 -26.93 -1.40 8.07
C ASN A 2 -26.78 -2.81 7.47
N SER A 3 -26.17 -2.92 6.28
N SER A 3 -26.19 -2.92 6.28
CA SER A 3 -25.91 -4.23 5.62
CA SER A 3 -25.95 -4.24 5.63
C SER A 3 -24.79 -4.95 6.38
C SER A 3 -24.80 -4.96 6.36
N SER A 4 -24.88 -6.29 6.52
CA SER A 4 -23.85 -7.11 7.22
C SER A 4 -22.44 -6.84 6.65
N GLN A 5 -22.34 -6.62 5.35
CA GLN A 5 -20.99 -6.39 4.78
C GLN A 5 -20.45 -5.01 5.19
N ALA A 6 -21.29 -4.15 5.81
CA ALA A 6 -20.81 -2.80 6.20
C ALA A 6 -19.78 -2.88 7.35
N TRP A 7 -19.77 -3.92 8.17
N TRP A 7 -19.78 -4.00 8.07
CA TRP A 7 -18.76 -3.99 9.27
CA TRP A 7 -18.84 -4.25 9.20
C TRP A 7 -17.45 -4.63 8.80
C TRP A 7 -17.62 -5.03 8.69
N GLN A 8 -17.44 -5.17 7.58
N GLN A 8 -17.47 -5.17 7.37
CA GLN A 8 -16.21 -5.78 6.99
CA GLN A 8 -16.27 -5.82 6.77
C GLN A 8 -15.35 -4.66 6.38
C GLN A 8 -15.38 -4.70 6.25
N PRO A 9 -14.07 -4.92 6.03
CA PRO A 9 -13.23 -3.89 5.41
C PRO A 9 -13.65 -3.63 3.95
N GLY A 10 -14.39 -4.58 3.36
CA GLY A 10 -14.84 -4.46 1.97
C GLY A 10 -15.56 -5.73 1.52
N VAL A 11 -15.69 -5.88 0.21
CA VAL A 11 -16.46 -7.02 -0.34
C VAL A 11 -15.63 -7.68 -1.44
N ALA A 12 -15.51 -9.00 -1.39
CA ALA A 12 -14.79 -9.78 -2.42
C ALA A 12 -15.81 -10.34 -3.42
N MET A 13 -15.42 -10.40 -4.69
CA MET A 13 -16.30 -10.93 -5.77
C MET A 13 -16.72 -12.37 -5.44
N PRO A 14 -18.03 -12.65 -5.29
CA PRO A 14 -18.48 -13.99 -4.95
C PRO A 14 -18.14 -15.02 -6.03
N ASN A 15 -17.95 -16.26 -5.60
CA ASN A 15 -17.53 -17.37 -6.50
C ASN A 15 -18.49 -17.53 -7.69
N LEU A 16 -19.81 -17.44 -7.47
CA LEU A 16 -20.73 -17.73 -8.62
C LEU A 16 -20.56 -16.66 -9.71
N TYR A 17 -20.16 -15.43 -9.34
CA TYR A 17 -19.97 -14.38 -10.38
C TYR A 17 -18.73 -14.72 -11.23
N LYS A 18 -17.73 -15.31 -10.60
CA LYS A 18 -16.49 -15.69 -11.32
C LYS A 18 -16.76 -16.79 -12.34
N MET A 19 -17.83 -17.57 -12.15
CA MET A 19 -18.12 -18.75 -12.99
C MET A 19 -19.03 -18.40 -14.17
N GLN A 20 -19.40 -17.13 -14.33
CA GLN A 20 -20.31 -16.75 -15.44
C GLN A 20 -19.52 -16.52 -16.73
N ARG A 21 -20.23 -16.27 -17.82
CA ARG A 21 -19.62 -15.91 -19.13
C ARG A 21 -20.35 -14.67 -19.63
N MET A 22 -20.19 -13.56 -18.91
CA MET A 22 -20.90 -12.32 -19.27
C MET A 22 -20.17 -11.58 -20.40
N LEU A 23 -20.93 -10.79 -21.17
CA LEU A 23 -20.34 -9.88 -22.18
C LEU A 23 -20.06 -8.56 -21.43
N LEU A 24 -19.02 -7.83 -21.84
CA LEU A 24 -18.67 -6.58 -21.13
C LEU A 24 -19.75 -5.51 -21.37
N GLU A 25 -20.21 -4.90 -20.29
CA GLU A 25 -21.20 -3.81 -20.37
C GLU A 25 -20.60 -2.58 -19.70
N LYS A 26 -21.23 -1.43 -19.92
CA LYS A 26 -20.81 -0.18 -19.26
C LYS A 26 -21.07 -0.35 -17.76
N CYS A 27 -20.15 0.13 -16.92
CA CYS A 27 -20.35 0.06 -15.46
C CYS A 27 -21.27 1.21 -15.07
N ASP A 28 -22.32 0.91 -14.31
CA ASP A 28 -23.33 1.95 -13.91
C ASP A 28 -23.65 1.71 -12.43
N LEU A 29 -22.80 2.22 -11.55
CA LEU A 29 -23.00 2.04 -10.10
C LEU A 29 -24.10 2.98 -9.60
N GLN A 30 -25.01 2.42 -8.81
CA GLN A 30 -26.15 3.16 -8.22
C GLN A 30 -25.64 4.35 -7.40
N ASN A 31 -24.48 4.22 -6.73
CA ASN A 31 -23.94 5.31 -5.87
C ASN A 31 -22.65 5.90 -6.47
N TYR A 32 -22.47 5.80 -7.79
CA TYR A 32 -21.22 6.24 -8.44
C TYR A 32 -20.76 7.62 -7.96
N GLY A 33 -19.50 7.70 -7.50
CA GLY A 33 -18.86 8.98 -7.13
C GLY A 33 -19.20 9.46 -5.74
N ASP A 34 -20.14 8.81 -5.04
CA ASP A 34 -20.50 9.25 -3.66
C ASP A 34 -19.26 9.26 -2.77
N SER A 35 -19.18 10.26 -1.89
N SER A 35 -19.18 10.26 -1.89
CA SER A 35 -18.02 10.42 -0.97
CA SER A 35 -18.02 10.44 -0.97
C SER A 35 -18.32 9.74 0.37
C SER A 35 -18.30 9.78 0.39
N ALA A 36 -17.29 9.09 0.93
CA ALA A 36 -17.42 8.44 2.25
C ALA A 36 -17.08 9.46 3.34
N THR A 37 -17.73 9.33 4.51
CA THR A 37 -17.35 10.17 5.68
C THR A 37 -16.27 9.40 6.41
N LEU A 38 -15.04 9.91 6.42
CA LEU A 38 -13.91 9.20 7.06
C LEU A 38 -13.69 9.76 8.45
N PRO A 39 -12.96 9.03 9.32
CA PRO A 39 -12.57 9.56 10.62
C PRO A 39 -11.87 10.90 10.38
N LYS A 40 -12.04 11.83 11.32
CA LYS A 40 -11.51 13.20 11.21
C LYS A 40 -10.02 13.21 10.85
N GLY A 41 -9.66 13.96 9.79
CA GLY A 41 -8.26 14.15 9.37
C GLY A 41 -7.64 12.97 8.66
N ILE A 42 -8.41 11.91 8.36
CA ILE A 42 -7.84 10.70 7.67
C ILE A 42 -8.02 10.83 6.16
N MET A 43 -6.92 10.63 5.43
CA MET A 43 -6.92 10.69 3.95
C MET A 43 -7.63 9.46 3.37
N MET A 44 -8.23 9.63 2.19
CA MET A 44 -8.92 8.50 1.50
C MET A 44 -7.95 7.33 1.35
N ASN A 45 -6.71 7.56 0.91
CA ASN A 45 -5.82 6.39 0.71
C ASN A 45 -5.31 5.77 2.02
N VAL A 46 -5.29 6.52 3.12
CA VAL A 46 -4.94 5.83 4.39
C VAL A 46 -6.12 4.88 4.70
N ALA A 47 -7.36 5.37 4.55
CA ALA A 47 -8.54 4.53 4.79
C ALA A 47 -8.57 3.33 3.83
N LYS A 48 -8.34 3.58 2.54
CA LYS A 48 -8.41 2.50 1.53
C LYS A 48 -7.33 1.44 1.77
N TYR A 49 -6.07 1.86 1.96
CA TYR A 49 -5.01 0.84 2.18
C TYR A 49 -5.22 0.12 3.52
N THR A 50 -5.76 0.84 4.51
CA THR A 50 -6.05 0.16 5.80
C THR A 50 -7.06 -0.97 5.54
N GLN A 51 -8.11 -0.69 4.77
CA GLN A 51 -9.12 -1.73 4.48
C GLN A 51 -8.51 -2.87 3.64
N LEU A 52 -7.67 -2.53 2.65
CA LEU A 52 -7.00 -3.61 1.86
C LEU A 52 -6.18 -4.50 2.81
N CYS A 53 -5.37 -3.90 3.68
CA CYS A 53 -4.54 -4.69 4.63
C CYS A 53 -5.42 -5.50 5.58
N GLN A 54 -6.52 -4.93 6.06
CA GLN A 54 -7.44 -5.66 6.95
C GLN A 54 -7.98 -6.90 6.21
N TYR A 55 -8.23 -6.76 4.91
CA TYR A 55 -8.73 -7.92 4.13
C TYR A 55 -7.60 -8.93 3.92
N LEU A 56 -6.41 -8.45 3.55
CA LEU A 56 -5.26 -9.36 3.36
C LEU A 56 -4.98 -10.14 4.66
N ASN A 57 -5.30 -9.57 5.83
CA ASN A 57 -5.10 -10.30 7.12
C ASN A 57 -5.95 -11.58 7.18
N THR A 58 -7.05 -11.64 6.42
CA THR A 58 -7.96 -12.82 6.45
C THR A 58 -7.50 -13.93 5.50
N LEU A 59 -6.43 -13.70 4.73
CA LEU A 59 -5.97 -14.68 3.70
C LEU A 59 -4.73 -15.43 4.20
N THR A 60 -4.31 -16.45 3.47
CA THR A 60 -3.13 -17.27 3.88
C THR A 60 -1.85 -16.66 3.30
N LEU A 61 -1.59 -15.37 3.57
CA LEU A 61 -0.33 -14.74 3.11
C LEU A 61 0.87 -15.42 3.77
N ALA A 62 1.92 -15.65 3.00
CA ALA A 62 3.21 -16.13 3.53
C ALA A 62 3.90 -14.91 4.15
N VAL A 63 4.38 -15.02 5.37
CA VAL A 63 5.05 -13.88 6.06
C VAL A 63 6.37 -14.40 6.63
N PRO A 64 7.43 -14.46 5.81
CA PRO A 64 8.71 -14.95 6.29
C PRO A 64 9.43 -13.88 7.12
N TYR A 65 10.49 -14.30 7.83
CA TYR A 65 11.37 -13.29 8.45
C TYR A 65 12.01 -12.52 7.30
N ASN A 66 12.35 -11.24 7.50
CA ASN A 66 13.03 -10.45 6.44
C ASN A 66 12.20 -10.51 5.15
N MET A 67 10.92 -10.23 5.29
CA MET A 67 9.97 -10.23 4.16
C MET A 67 10.33 -9.09 3.20
N ARG A 68 10.08 -9.29 1.91
CA ARG A 68 10.38 -8.27 0.87
C ARG A 68 9.09 -7.85 0.17
N VAL A 69 8.82 -6.55 0.17
CA VAL A 69 7.56 -6.03 -0.40
C VAL A 69 7.88 -4.86 -1.32
N ILE A 70 7.29 -4.89 -2.52
CA ILE A 70 7.48 -3.75 -3.46
C ILE A 70 6.10 -3.15 -3.76
N HIS A 71 6.06 -1.82 -3.77
CA HIS A 71 4.82 -1.02 -3.94
C HIS A 71 4.96 -0.07 -5.14
N PHE A 72 4.25 -0.39 -6.22
CA PHE A 72 4.23 0.43 -7.46
C PHE A 72 3.08 1.43 -7.40
N GLY A 73 3.28 2.61 -7.97
CA GLY A 73 2.24 3.66 -7.98
C GLY A 73 2.05 4.22 -6.58
N ALA A 74 3.15 4.42 -5.86
CA ALA A 74 3.12 4.85 -4.44
C ALA A 74 3.06 6.38 -4.28
N GLY A 75 3.31 7.13 -5.34
CA GLY A 75 3.27 8.60 -5.28
C GLY A 75 1.84 9.12 -5.34
N SER A 76 1.67 10.42 -5.25
CA SER A 76 0.30 11.00 -5.32
C SER A 76 0.41 12.49 -5.64
N ASP A 77 -0.73 13.10 -5.96
CA ASP A 77 -0.82 14.55 -6.25
C ASP A 77 -0.55 15.33 -4.97
N LYS A 78 -0.42 14.66 -3.83
CA LYS A 78 -0.13 15.38 -2.55
C LYS A 78 1.40 15.44 -2.34
N GLY A 79 2.18 14.69 -3.12
CA GLY A 79 3.64 14.66 -2.99
C GLY A 79 4.12 13.75 -1.87
N VAL A 80 3.20 13.02 -1.22
CA VAL A 80 3.52 12.07 -0.12
C VAL A 80 2.99 10.69 -0.51
N ALA A 81 3.23 9.66 0.32
CA ALA A 81 2.84 8.27 0.00
C ALA A 81 2.01 7.69 1.13
N PRO A 82 0.70 8.02 1.19
CA PRO A 82 -0.17 7.50 2.24
C PRO A 82 -0.20 5.97 2.27
N GLY A 83 -0.33 5.36 1.09
CA GLY A 83 -0.36 3.88 1.02
C GLY A 83 0.91 3.27 1.57
N THR A 84 2.07 3.82 1.23
CA THR A 84 3.36 3.30 1.75
C THR A 84 3.37 3.40 3.27
N ALA A 85 2.88 4.51 3.83
CA ALA A 85 2.82 4.69 5.29
C ALA A 85 1.96 3.60 5.92
N VAL A 86 0.83 3.26 5.29
CA VAL A 86 -0.02 2.17 5.85
C VAL A 86 0.70 0.82 5.71
N LEU A 87 1.31 0.55 4.55
CA LEU A 87 2.01 -0.76 4.40
C LEU A 87 3.11 -0.88 5.47
N ARG A 88 3.85 0.20 5.73
CA ARG A 88 4.95 0.23 6.72
C ARG A 88 4.38 -0.07 8.12
N GLN A 89 3.19 0.43 8.40
CA GLN A 89 2.50 0.19 9.70
C GLN A 89 2.06 -1.27 9.82
N TRP A 90 1.54 -1.82 8.72
CA TRP A 90 0.97 -3.18 8.67
C TRP A 90 2.04 -4.27 8.73
N LEU A 91 3.08 -4.12 7.91
CA LEU A 91 4.13 -5.16 7.79
C LEU A 91 4.98 -5.28 9.05
N PRO A 92 5.48 -6.49 9.33
CA PRO A 92 6.36 -6.72 10.49
C PRO A 92 7.56 -5.76 10.47
N THR A 93 7.95 -5.29 11.65
CA THR A 93 9.14 -4.39 11.75
C THR A 93 10.32 -5.09 11.07
N GLY A 94 11.10 -4.34 10.29
CA GLY A 94 12.28 -4.91 9.62
C GLY A 94 11.96 -5.39 8.21
N THR A 95 10.67 -5.48 7.86
CA THR A 95 10.31 -5.88 6.48
C THR A 95 10.94 -4.89 5.51
N LEU A 96 11.59 -5.38 4.45
N LEU A 96 11.52 -5.39 4.42
CA LEU A 96 12.14 -4.45 3.43
CA LEU A 96 12.14 -4.52 3.38
C LEU A 96 10.99 -4.01 2.52
C LEU A 96 11.05 -4.02 2.45
N LEU A 97 10.80 -2.70 2.43
CA LEU A 97 9.71 -2.09 1.63
C LEU A 97 10.31 -1.12 0.63
N VAL A 98 10.12 -1.43 -0.65
CA VAL A 98 10.59 -0.56 -1.75
C VAL A 98 9.35 0.02 -2.43
N ASP A 99 9.38 1.30 -2.77
CA ASP A 99 8.23 1.85 -3.49
C ASP A 99 8.71 2.60 -4.73
N SER A 100 7.77 2.91 -5.60
CA SER A 100 8.11 3.48 -6.90
C SER A 100 6.95 4.29 -7.47
N ASP A 101 7.30 5.24 -8.35
CA ASP A 101 6.28 6.06 -9.05
C ASP A 101 6.98 6.79 -10.19
N LEU A 102 6.21 7.12 -11.21
CA LEU A 102 6.67 7.92 -12.37
C LEU A 102 7.16 9.30 -11.88
N ASN A 103 6.52 9.82 -10.83
CA ASN A 103 6.79 11.21 -10.35
C ASN A 103 7.44 11.21 -8.96
N ASP A 104 8.29 12.19 -8.70
CA ASP A 104 8.99 12.24 -7.38
C ASP A 104 7.95 12.43 -6.26
N PHE A 105 8.24 11.86 -5.09
CA PHE A 105 7.35 11.97 -3.91
C PHE A 105 8.18 11.66 -2.66
N VAL A 106 7.62 12.00 -1.49
CA VAL A 106 8.27 11.79 -0.17
C VAL A 106 7.75 10.48 0.38
N SER A 107 8.65 9.57 0.79
CA SER A 107 8.24 8.20 1.19
C SER A 107 8.87 7.72 2.50
N ASP A 108 8.18 6.78 3.15
CA ASP A 108 8.65 6.10 4.38
C ASP A 108 9.30 4.76 3.99
N ALA A 109 9.35 4.45 2.69
CA ALA A 109 9.93 3.16 2.25
C ALA A 109 11.44 3.14 2.50
N ASP A 110 12.00 1.94 2.58
CA ASP A 110 13.47 1.75 2.74
C ASP A 110 14.20 2.33 1.52
N SER A 111 13.60 2.18 0.33
N SER A 111 13.61 2.14 0.33
CA SER A 111 14.20 2.74 -0.91
CA SER A 111 14.18 2.67 -0.95
C SER A 111 13.07 3.08 -1.88
C SER A 111 13.03 3.11 -1.87
N THR A 112 13.24 4.18 -2.61
CA THR A 112 12.22 4.68 -3.56
C THR A 112 12.86 4.82 -4.95
N LEU A 113 12.22 4.27 -5.98
CA LEU A 113 12.73 4.43 -7.38
C LEU A 113 11.75 5.33 -8.13
N ILE A 114 12.27 6.39 -8.75
CA ILE A 114 11.43 7.35 -9.51
C ILE A 114 11.65 7.12 -11.00
N GLY A 115 10.56 6.86 -11.73
CA GLY A 115 10.63 6.64 -13.18
C GLY A 115 9.52 5.72 -13.62
N ASP A 116 9.36 5.56 -14.93
CA ASP A 116 8.32 4.63 -15.45
C ASP A 116 8.61 3.25 -14.84
N CYS A 117 7.57 2.50 -14.45
CA CYS A 117 7.84 1.18 -13.83
C CYS A 117 8.61 0.28 -14.82
N ALA A 118 8.48 0.51 -16.12
CA ALA A 118 9.16 -0.34 -17.11
C ALA A 118 10.69 -0.19 -16.98
N THR A 119 11.15 0.84 -16.28
CA THR A 119 12.62 1.07 -16.13
C THR A 119 13.14 0.40 -14.85
N VAL A 120 12.24 -0.16 -14.04
CA VAL A 120 12.62 -0.75 -12.73
C VAL A 120 13.10 -2.19 -12.93
N HIS A 121 14.31 -2.48 -12.43
CA HIS A 121 14.90 -3.83 -12.49
C HIS A 121 15.30 -4.25 -11.08
N THR A 122 15.08 -5.51 -10.75
CA THR A 122 15.48 -6.03 -9.41
C THR A 122 16.15 -7.38 -9.67
N ALA A 123 17.27 -7.62 -9.00
CA ALA A 123 17.97 -8.90 -9.10
C ALA A 123 17.27 -9.96 -8.23
N ASN A 124 16.50 -9.50 -7.24
N ASN A 124 16.44 -9.51 -7.30
CA ASN A 124 15.85 -10.39 -6.25
CA ASN A 124 15.84 -10.44 -6.33
C ASN A 124 14.36 -10.61 -6.53
C ASN A 124 14.34 -10.64 -6.56
N LYS A 125 13.79 -11.65 -5.88
CA LYS A 125 12.34 -11.94 -5.95
C LYS A 125 11.69 -11.31 -4.72
N TRP A 126 10.37 -11.12 -4.81
CA TRP A 126 9.57 -10.41 -3.78
C TRP A 126 8.52 -11.36 -3.19
N ASP A 127 8.09 -11.07 -1.96
CA ASP A 127 7.09 -11.90 -1.26
C ASP A 127 5.69 -11.31 -1.45
N LEU A 128 5.63 -10.01 -1.74
CA LEU A 128 4.33 -9.32 -1.90
C LEU A 128 4.53 -8.14 -2.86
N ILE A 129 3.66 -8.04 -3.86
CA ILE A 129 3.67 -6.92 -4.84
C ILE A 129 2.33 -6.20 -4.72
N ILE A 130 2.40 -4.90 -4.44
CA ILE A 130 1.20 -4.03 -4.37
C ILE A 130 1.33 -3.00 -5.51
N SER A 131 0.27 -2.85 -6.30
CA SER A 131 0.24 -1.80 -7.34
C SER A 131 -1.03 -0.96 -7.22
N ASP A 132 -0.86 0.35 -7.21
CA ASP A 132 -1.98 1.31 -7.23
C ASP A 132 -1.80 2.19 -8.49
N MET A 133 -0.99 1.73 -9.44
CA MET A 133 -0.82 2.52 -10.69
C MET A 133 -2.13 2.66 -11.46
N TYR A 134 -2.31 3.83 -12.07
CA TYR A 134 -3.45 4.19 -12.93
C TYR A 134 -2.93 5.23 -13.92
N ASP A 135 -3.17 5.01 -15.21
CA ASP A 135 -2.72 5.95 -16.26
C ASP A 135 -3.78 7.03 -16.40
N PRO A 136 -3.45 8.32 -16.13
CA PRO A 136 -4.42 9.40 -16.25
C PRO A 136 -5.17 9.42 -17.60
N LYS A 137 -4.50 8.96 -18.66
CA LYS A 137 -5.13 8.95 -20.01
C LYS A 137 -6.31 7.97 -20.06
N THR A 138 -6.43 7.08 -19.05
CA THR A 138 -7.56 6.13 -19.03
C THR A 138 -8.89 6.90 -18.93
N LYS A 139 -8.85 8.12 -18.40
CA LYS A 139 -10.09 8.94 -18.24
C LYS A 139 -10.62 9.42 -19.60
N ASN A 140 -9.75 9.44 -20.61
N ASN A 140 -9.75 9.47 -20.61
CA ASN A 140 -10.13 9.86 -21.98
CA ASN A 140 -10.19 9.91 -21.96
C ASN A 140 -10.69 8.64 -22.72
C ASN A 140 -10.70 8.68 -22.71
N VAL A 141 -11.96 8.29 -22.47
CA VAL A 141 -12.61 7.11 -23.11
C VAL A 141 -13.16 7.55 -24.47
N THR A 142 -12.53 7.11 -25.55
CA THR A 142 -12.94 7.53 -26.91
C THR A 142 -13.26 6.33 -27.80
N LYS A 143 -13.23 5.12 -27.24
CA LYS A 143 -13.51 3.90 -28.05
C LYS A 143 -13.94 2.76 -27.13
N GLU A 144 -14.17 1.59 -27.71
CA GLU A 144 -14.59 0.39 -26.93
C GLU A 144 -13.58 0.14 -25.80
N ASN A 145 -14.09 -0.29 -24.64
CA ASN A 145 -13.24 -0.58 -23.46
C ASN A 145 -12.49 -1.90 -23.67
N ASP A 146 -11.26 -1.82 -24.20
N ASP A 146 -11.24 -1.80 -24.16
CA ASP A 146 -10.44 -3.03 -24.44
CA ASP A 146 -10.39 -2.97 -24.49
C ASP A 146 -9.35 -3.17 -23.37
C ASP A 146 -9.33 -3.14 -23.39
N SER A 147 -8.69 -4.32 -23.35
CA SER A 147 -7.60 -4.64 -22.41
C SER A 147 -6.50 -3.59 -22.58
N LYS A 148 -5.99 -3.05 -21.48
CA LYS A 148 -4.98 -1.98 -21.53
C LYS A 148 -3.59 -2.59 -21.39
N GLU A 149 -2.60 -1.97 -22.04
N GLU A 149 -2.59 -1.98 -22.06
CA GLU A 149 -1.20 -2.46 -21.96
CA GLU A 149 -1.20 -2.47 -21.96
C GLU A 149 -0.44 -1.54 -20.98
C GLU A 149 -0.45 -1.55 -20.99
N GLY A 150 0.54 -0.79 -21.47
CA GLY A 150 1.30 0.11 -20.58
C GLY A 150 1.86 -0.59 -19.35
N PHE A 151 1.61 -0.06 -18.16
CA PHE A 151 2.21 -0.67 -16.94
C PHE A 151 1.67 -2.08 -16.70
N PHE A 152 0.47 -2.42 -17.19
CA PHE A 152 -0.02 -3.80 -16.95
C PHE A 152 0.90 -4.83 -17.61
N THR A 153 1.46 -4.49 -18.77
CA THR A 153 2.38 -5.43 -19.46
C THR A 153 3.56 -5.69 -18.53
N TYR A 154 4.09 -4.61 -17.95
CA TYR A 154 5.25 -4.74 -17.04
C TYR A 154 4.88 -5.56 -15.81
N ILE A 155 3.70 -5.29 -15.23
CA ILE A 155 3.28 -6.00 -13.99
C ILE A 155 3.14 -7.51 -14.27
N CYS A 156 2.57 -7.90 -15.41
CA CYS A 156 2.43 -9.35 -15.70
C CYS A 156 3.81 -10.00 -15.80
N GLY A 157 4.75 -9.33 -16.46
CA GLY A 157 6.11 -9.88 -16.58
C GLY A 157 6.83 -9.89 -15.24
N PHE A 158 6.61 -8.85 -14.42
CA PHE A 158 7.30 -8.73 -13.11
C PHE A 158 6.80 -9.85 -12.18
N ILE A 159 5.50 -10.12 -12.20
CA ILE A 159 4.94 -11.22 -11.37
C ILE A 159 5.56 -12.55 -11.80
N GLN A 160 5.62 -12.82 -13.10
CA GLN A 160 6.11 -14.12 -13.59
C GLN A 160 7.62 -14.28 -13.39
N GLN A 161 8.36 -13.17 -13.32
CA GLN A 161 9.84 -13.26 -13.21
C GLN A 161 10.33 -12.95 -11.80
N LYS A 162 9.60 -12.14 -11.03
CA LYS A 162 10.19 -11.64 -9.76
C LYS A 162 9.32 -11.92 -8.53
N LEU A 163 8.21 -12.64 -8.67
CA LEU A 163 7.43 -12.98 -7.46
C LEU A 163 7.85 -14.38 -6.98
N ALA A 164 8.21 -14.47 -5.70
CA ALA A 164 8.55 -15.78 -5.10
C ALA A 164 7.35 -16.72 -5.16
N LEU A 165 7.59 -18.01 -5.39
CA LEU A 165 6.46 -18.96 -5.25
C LEU A 165 5.98 -18.86 -3.80
N GLY A 166 4.66 -18.87 -3.61
CA GLY A 166 4.04 -18.67 -2.28
C GLY A 166 3.73 -17.21 -2.04
N GLY A 167 4.29 -16.32 -2.87
CA GLY A 167 4.06 -14.87 -2.72
C GLY A 167 2.66 -14.46 -3.15
N SER A 168 2.31 -13.20 -2.89
CA SER A 168 0.96 -12.71 -3.21
C SER A 168 1.04 -11.34 -3.88
N VAL A 169 -0.07 -10.94 -4.49
CA VAL A 169 -0.16 -9.61 -5.15
C VAL A 169 -1.52 -8.98 -4.87
N ALA A 170 -1.56 -7.65 -4.92
CA ALA A 170 -2.80 -6.84 -4.88
C ALA A 170 -2.59 -5.75 -5.94
N ILE A 171 -3.27 -5.89 -7.08
CA ILE A 171 -3.09 -4.97 -8.24
C ILE A 171 -4.38 -4.20 -8.47
N LYS A 172 -4.31 -2.88 -8.42
CA LYS A 172 -5.53 -2.07 -8.59
C LYS A 172 -5.98 -2.03 -10.05
N ILE A 173 -7.29 -2.24 -10.24
CA ILE A 173 -7.96 -2.14 -11.56
C ILE A 173 -9.20 -1.25 -11.38
N THR A 174 -9.76 -0.83 -12.50
CA THR A 174 -11.04 -0.07 -12.53
C THR A 174 -11.82 -0.58 -13.74
N GLU A 175 -12.99 0.00 -14.01
CA GLU A 175 -13.75 -0.42 -15.20
C GLU A 175 -12.88 -0.31 -16.46
N HIS A 176 -12.14 0.79 -16.61
CA HIS A 176 -11.36 1.03 -17.85
C HIS A 176 -9.87 0.73 -17.66
N SER A 177 -9.39 0.66 -16.42
CA SER A 177 -7.96 0.36 -16.17
C SER A 177 -7.85 -1.13 -15.83
N TRP A 178 -7.64 -1.95 -16.84
CA TRP A 178 -7.61 -3.42 -16.61
C TRP A 178 -6.82 -4.08 -17.73
N ASN A 179 -6.45 -5.34 -17.51
CA ASN A 179 -5.66 -6.09 -18.50
C ASN A 179 -6.10 -7.57 -18.47
N ALA A 180 -6.38 -8.14 -19.64
CA ALA A 180 -6.85 -9.54 -19.73
C ALA A 180 -5.77 -10.52 -19.25
N ASP A 181 -4.50 -10.27 -19.57
CA ASP A 181 -3.41 -11.19 -19.17
C ASP A 181 -3.27 -11.22 -17.64
N LEU A 182 -3.54 -10.09 -16.97
CA LEU A 182 -3.46 -10.04 -15.49
C LEU A 182 -4.55 -10.95 -14.89
N TYR A 183 -5.78 -10.89 -15.40
CA TYR A 183 -6.81 -11.82 -14.90
C TYR A 183 -6.37 -13.26 -15.16
N LYS A 184 -5.84 -13.53 -16.36
CA LYS A 184 -5.37 -14.90 -16.69
C LYS A 184 -4.32 -15.36 -15.64
N LEU A 185 -3.39 -14.49 -15.28
N LEU A 185 -3.42 -14.45 -15.27
CA LEU A 185 -2.33 -14.84 -14.27
CA LEU A 185 -2.33 -14.74 -14.30
C LEU A 185 -2.96 -15.12 -12.90
C LEU A 185 -2.90 -14.99 -12.90
N MET A 186 -4.11 -14.52 -12.59
CA MET A 186 -4.74 -14.81 -11.28
C MET A 186 -4.95 -16.33 -11.16
N GLY A 187 -5.06 -17.03 -12.29
CA GLY A 187 -5.25 -18.49 -12.28
C GLY A 187 -3.96 -19.24 -11.95
N HIS A 188 -2.85 -18.51 -11.78
CA HIS A 188 -1.54 -19.12 -11.41
C HIS A 188 -1.31 -19.05 -9.89
N PHE A 189 -2.34 -18.64 -9.13
CA PHE A 189 -2.26 -18.55 -7.65
C PHE A 189 -3.18 -19.62 -7.08
N ALA A 190 -2.98 -19.94 -5.80
CA ALA A 190 -3.82 -20.96 -5.13
C ALA A 190 -5.24 -20.45 -5.04
N TRP A 191 -5.38 -19.12 -4.96
CA TRP A 191 -6.71 -18.49 -4.84
C TRP A 191 -6.61 -17.05 -5.34
N TRP A 192 -7.73 -16.47 -5.74
CA TRP A 192 -7.71 -15.08 -6.23
C TRP A 192 -9.09 -14.46 -6.02
N THR A 193 -9.12 -13.14 -6.00
CA THR A 193 -10.41 -12.45 -5.97
C THR A 193 -10.23 -11.01 -6.45
N ALA A 194 -11.36 -10.34 -6.65
CA ALA A 194 -11.41 -8.89 -6.91
C ALA A 194 -12.04 -8.30 -5.63
N PHE A 195 -11.29 -7.46 -4.93
CA PHE A 195 -11.72 -6.90 -3.63
C PHE A 195 -12.03 -5.41 -3.76
N VAL A 196 -13.20 -5.04 -3.28
CA VAL A 196 -13.68 -3.63 -3.29
C VAL A 196 -13.64 -3.09 -1.86
N THR A 197 -12.94 -1.97 -1.64
CA THR A 197 -12.93 -1.44 -0.26
C THR A 197 -14.29 -0.80 0.05
N ASN A 198 -14.72 -0.89 1.29
CA ASN A 198 -16.01 -0.26 1.69
C ASN A 198 -15.90 1.26 1.62
N VAL A 199 -14.74 1.86 1.87
CA VAL A 199 -14.67 3.34 1.82
C VAL A 199 -14.75 3.88 0.38
N ASN A 200 -14.41 3.07 -0.62
CA ASN A 200 -14.45 3.57 -2.01
C ASN A 200 -15.38 2.69 -2.85
N ALA A 201 -16.44 2.16 -2.23
CA ALA A 201 -17.40 1.26 -2.91
C ALA A 201 -18.19 1.98 -4.02
N SER A 202 -18.14 3.32 -4.07
CA SER A 202 -18.82 4.14 -5.11
C SER A 202 -17.95 4.22 -6.37
N SER A 203 -16.81 3.54 -6.37
CA SER A 203 -15.89 3.49 -7.53
C SER A 203 -15.88 2.09 -8.13
N SER A 204 -15.57 1.98 -9.43
CA SER A 204 -15.40 0.66 -10.10
C SER A 204 -14.03 0.07 -9.72
N GLU A 205 -13.25 0.81 -8.95
CA GLU A 205 -11.95 0.32 -8.45
C GLU A 205 -12.09 -1.01 -7.71
N ALA A 206 -11.12 -1.88 -7.90
CA ALA A 206 -10.99 -3.11 -7.11
C ALA A 206 -9.51 -3.50 -7.10
N PHE A 207 -9.13 -4.25 -6.09
CA PHE A 207 -7.78 -4.83 -6.07
C PHE A 207 -7.89 -6.28 -6.51
N LEU A 208 -7.21 -6.62 -7.61
CA LEU A 208 -7.10 -8.05 -8.01
C LEU A 208 -6.06 -8.67 -7.09
N ILE A 209 -6.51 -9.60 -6.26
CA ILE A 209 -5.60 -10.24 -5.28
C ILE A 209 -5.30 -11.67 -5.71
N GLY A 210 -4.02 -11.95 -5.88
CA GLY A 210 -3.53 -13.32 -6.12
C GLY A 210 -2.89 -13.81 -4.85
N CYS A 211 -3.41 -14.89 -4.26
CA CYS A 211 -2.87 -15.38 -2.97
C CYS A 211 -2.11 -16.70 -3.17
N ASN A 212 -0.81 -16.70 -2.87
CA ASN A 212 0.09 -17.90 -2.93
C ASN A 212 0.37 -18.29 -4.39
N TYR A 213 1.42 -17.70 -4.94
CA TYR A 213 1.80 -17.91 -6.35
C TYR A 213 2.35 -19.32 -6.56
N LEU A 214 1.85 -20.02 -7.59
CA LEU A 214 2.24 -21.42 -7.87
C LEU A 214 3.19 -21.50 -9.07
N GLY A 215 3.31 -20.42 -9.84
CA GLY A 215 4.23 -20.37 -11.00
C GLY A 215 3.72 -21.18 -12.19
N LYS A 216 2.48 -21.66 -12.11
CA LYS A 216 1.87 -22.47 -13.20
C LYS A 216 0.36 -22.30 -13.09
N PRO A 217 -0.41 -22.45 -14.18
CA PRO A 217 -1.85 -22.29 -14.10
C PRO A 217 -2.56 -23.43 -13.38
N ARG A 218 -3.33 -23.11 -12.34
N ARG A 218 -3.31 -23.07 -12.34
CA ARG A 218 -4.14 -24.16 -11.66
CA ARG A 218 -4.14 -24.01 -11.54
C ARG A 218 -5.51 -24.16 -12.35
C ARG A 218 -5.54 -24.08 -12.19
N GLU A 219 -5.89 -23.01 -12.92
CA GLU A 219 -7.17 -22.91 -13.68
C GLU A 219 -6.96 -21.95 -14.85
N GLN A 220 -7.66 -22.21 -15.95
CA GLN A 220 -7.59 -21.36 -17.17
C GLN A 220 -8.64 -20.26 -17.04
N ILE A 221 -8.18 -19.01 -16.99
CA ILE A 221 -9.09 -17.84 -16.89
C ILE A 221 -9.00 -17.04 -18.18
N ASP A 222 -10.14 -16.76 -18.80
CA ASP A 222 -10.25 -15.85 -19.97
C ASP A 222 -10.43 -14.46 -19.37
N GLY A 223 -9.41 -13.59 -19.50
CA GLY A 223 -9.43 -12.24 -18.90
C GLY A 223 -10.55 -11.35 -19.39
N TYR A 224 -10.87 -11.41 -20.69
N TYR A 224 -10.89 -11.46 -20.68
CA TYR A 224 -11.99 -10.59 -21.21
CA TYR A 224 -11.97 -10.64 -21.29
C TYR A 224 -13.28 -11.00 -20.51
C TYR A 224 -13.31 -11.01 -20.65
N VAL A 225 -13.54 -12.31 -20.43
CA VAL A 225 -14.77 -12.81 -19.76
C VAL A 225 -14.73 -12.42 -18.28
N MET A 226 -13.59 -12.62 -17.61
CA MET A 226 -13.55 -12.34 -16.15
C MET A 226 -13.78 -10.86 -15.86
N HIS A 227 -13.22 -9.94 -16.67
CA HIS A 227 -13.52 -8.50 -16.41
C HIS A 227 -15.02 -8.24 -16.62
N ALA A 228 -15.62 -8.82 -17.66
CA ALA A 228 -17.08 -8.67 -17.89
C ALA A 228 -17.83 -9.20 -16.66
N ASN A 229 -17.39 -10.33 -16.12
CA ASN A 229 -18.03 -10.92 -14.91
C ASN A 229 -17.90 -9.94 -13.73
N TYR A 230 -16.73 -9.31 -13.61
CA TYR A 230 -16.48 -8.34 -12.51
C TYR A 230 -17.45 -7.16 -12.62
N ILE A 231 -17.56 -6.59 -13.83
CA ILE A 231 -18.48 -5.44 -14.04
C ILE A 231 -19.93 -5.85 -13.81
N PHE A 232 -20.30 -7.07 -14.20
CA PHE A 232 -21.68 -7.55 -13.99
C PHE A 232 -21.96 -7.62 -12.48
N TRP A 233 -21.02 -8.19 -11.73
CA TRP A 233 -21.12 -8.24 -10.25
C TRP A 233 -21.30 -6.82 -9.71
N ARG A 234 -20.42 -5.88 -10.08
CA ARG A 234 -20.54 -4.49 -9.55
C ARG A 234 -21.87 -3.83 -9.96
N ASN A 235 -22.33 -4.04 -11.19
CA ASN A 235 -23.58 -3.42 -11.68
C ASN A 235 -24.82 -3.96 -10.96
N THR A 236 -24.76 -5.20 -10.45
CA THR A 236 -25.98 -5.80 -9.85
C THR A 236 -25.87 -5.90 -8.33
N ASN A 237 -24.76 -5.43 -7.76
CA ASN A 237 -24.56 -5.54 -6.29
C ASN A 237 -24.05 -4.22 -5.74
N PRO A 238 -24.95 -3.25 -5.51
CA PRO A 238 -24.55 -1.98 -4.93
C PRO A 238 -23.94 -2.24 -3.55
N ILE A 239 -22.84 -1.54 -3.27
CA ILE A 239 -22.17 -1.68 -1.95
C ILE A 239 -22.29 -0.34 -1.21
N GLN A 240 -22.82 -0.38 0.01
CA GLN A 240 -22.99 0.80 0.88
C GLN A 240 -21.62 1.29 1.33
N LEU A 241 -21.33 2.58 1.15
CA LEU A 241 -20.06 3.15 1.67
C LEU A 241 -19.99 2.90 3.18
N SER A 242 -18.84 2.46 3.66
CA SER A 242 -18.66 2.22 5.11
C SER A 242 -17.21 2.41 5.54
N SER A 243 -17.04 3.08 6.67
N SER A 243 -17.01 3.18 6.62
CA SER A 243 -15.71 3.26 7.31
CA SER A 243 -15.69 3.43 7.24
C SER A 243 -15.73 2.53 8.65
C SER A 243 -15.60 2.67 8.57
N TYR A 244 -16.74 1.67 8.90
N TYR A 244 -16.65 1.89 8.88
CA TYR A 244 -16.86 1.02 10.24
CA TYR A 244 -16.76 1.15 10.17
C TYR A 244 -15.58 0.28 10.62
C TYR A 244 -15.47 0.42 10.57
N SER A 245 -14.92 -0.41 9.68
CA SER A 245 -13.74 -1.24 10.04
C SER A 245 -12.52 -0.40 10.45
N LEU A 246 -12.50 0.89 10.13
CA LEU A 246 -11.32 1.76 10.40
C LEU A 246 -11.22 2.08 11.90
N PHE A 247 -12.31 1.90 12.63
CA PHE A 247 -12.33 2.31 14.05
C PHE A 247 -11.71 1.26 14.98
N ASP A 248 -11.53 0.02 14.53
CA ASP A 248 -10.91 -0.99 15.45
C ASP A 248 -9.60 -1.45 14.81
N MET A 249 -8.48 -0.91 15.30
CA MET A 249 -7.15 -1.23 14.74
C MET A 249 -6.40 -2.18 15.66
N SER A 250 -7.08 -2.75 16.67
CA SER A 250 -6.40 -3.64 17.65
C SER A 250 -5.75 -4.86 16.99
N LYS A 251 -6.32 -5.42 15.91
CA LYS A 251 -5.72 -6.62 15.29
C LYS A 251 -5.18 -6.28 13.88
N PHE A 252 -4.73 -5.06 13.69
CA PHE A 252 -4.32 -4.64 12.33
C PHE A 252 -2.99 -5.24 11.88
N PRO A 253 -1.91 -5.24 12.69
CA PRO A 253 -0.61 -5.69 12.20
C PRO A 253 -0.60 -7.10 11.62
N LEU A 254 0.07 -7.26 10.48
CA LEU A 254 0.21 -8.57 9.84
C LEU A 254 0.95 -9.50 10.81
N LYS A 255 0.40 -10.68 11.08
CA LYS A 255 1.04 -11.62 12.04
C LYS A 255 2.34 -12.18 11.47
N LEU A 256 3.44 -12.09 12.22
CA LEU A 256 4.70 -12.71 11.75
C LEU A 256 4.55 -14.22 11.91
N ARG A 257 4.43 -14.93 10.79
N ARG A 257 4.42 -14.94 10.80
CA ARG A 257 4.25 -16.39 10.75
CA ARG A 257 4.25 -16.41 10.85
C ARG A 257 5.62 -17.08 10.76
C ARG A 257 5.61 -17.11 10.70
N GLY A 258 6.67 -16.35 10.38
CA GLY A 258 8.02 -16.93 10.28
C GLY A 258 8.05 -18.01 9.21
N THR A 259 7.29 -17.79 8.14
CA THR A 259 7.16 -18.74 6.99
C THR A 259 8.53 -19.17 6.48
N ALA A 260 8.71 -20.46 6.26
CA ALA A 260 10.00 -20.98 5.76
C ALA A 260 10.31 -20.43 4.36
N VAL A 261 11.59 -20.11 4.13
CA VAL A 261 12.06 -19.65 2.80
C VAL A 261 13.09 -20.67 2.33
N MET A 262 12.91 -21.26 1.14
CA MET A 262 13.92 -22.21 0.63
C MET A 262 14.10 -22.01 -0.87
N SER A 263 15.29 -22.35 -1.36
N SER A 263 15.29 -22.35 -1.37
CA SER A 263 15.60 -22.23 -2.81
CA SER A 263 15.59 -22.21 -2.83
C SER A 263 15.49 -23.61 -3.46
C SER A 263 15.51 -23.59 -3.49
N LEU A 264 14.48 -23.80 -4.31
CA LEU A 264 14.28 -25.10 -5.01
C LEU A 264 14.29 -24.85 -6.52
N LYS A 265 15.00 -25.70 -7.27
CA LYS A 265 15.09 -25.59 -8.74
C LYS A 265 13.75 -26.04 -9.34
N GLU A 266 13.40 -25.52 -10.54
CA GLU A 266 12.14 -25.92 -11.20
C GLU A 266 12.28 -27.39 -11.63
N GLY A 267 11.62 -28.28 -10.89
CA GLY A 267 11.68 -29.74 -11.09
C GLY A 267 11.61 -30.44 -9.75
N GLN A 268 11.89 -29.69 -8.69
CA GLN A 268 11.84 -30.16 -7.27
C GLN A 268 10.50 -29.71 -6.68
N ILE A 269 9.74 -28.91 -7.45
CA ILE A 269 8.41 -28.40 -7.01
C ILE A 269 7.38 -29.52 -7.22
N ASN A 270 7.30 -30.47 -6.29
CA ASN A 270 6.35 -31.62 -6.38
C ASN A 270 5.00 -31.24 -5.78
N ASP A 271 4.03 -32.15 -5.83
CA ASP A 271 2.65 -31.91 -5.32
C ASP A 271 2.70 -31.59 -3.82
N MET A 272 3.69 -32.13 -3.10
CA MET A 272 3.85 -31.88 -1.64
C MET A 272 4.28 -30.42 -1.44
N ILE A 273 5.19 -29.93 -2.29
CA ILE A 273 5.66 -28.51 -2.21
C ILE A 273 4.50 -27.59 -2.61
N LEU A 274 3.77 -27.94 -3.68
CA LEU A 274 2.61 -27.13 -4.14
C LEU A 274 1.56 -27.02 -3.03
N SER A 275 1.39 -28.09 -2.24
N SER A 275 1.39 -28.09 -2.24
CA SER A 275 0.41 -28.07 -1.13
CA SER A 275 0.42 -28.09 -1.12
C SER A 275 0.85 -27.05 -0.08
C SER A 275 0.86 -27.07 -0.06
N LEU A 276 2.15 -27.05 0.26
CA LEU A 276 2.69 -26.08 1.28
C LEU A 276 2.53 -24.66 0.74
N LEU A 277 2.90 -24.44 -0.54
CA LEU A 277 2.74 -23.10 -1.17
C LEU A 277 1.28 -22.66 -1.09
N SER A 278 0.36 -23.55 -1.44
CA SER A 278 -1.09 -23.25 -1.50
C SER A 278 -1.67 -22.91 -0.13
N LYS A 279 -0.98 -23.26 0.95
CA LYS A 279 -1.49 -23.04 2.33
C LYS A 279 -0.77 -21.87 2.99
N GLY A 280 0.09 -21.15 2.25
CA GLY A 280 0.82 -20.01 2.83
C GLY A 280 1.90 -20.45 3.81
N ARG A 281 2.42 -21.66 3.67
CA ARG A 281 3.44 -22.21 4.62
C ARG A 281 4.82 -22.29 3.96
N LEU A 282 5.00 -21.69 2.79
CA LEU A 282 6.33 -21.78 2.14
C LEU A 282 6.53 -20.67 1.13
N ILE A 283 7.74 -20.12 1.11
CA ILE A 283 8.20 -19.11 0.12
C ILE A 283 9.38 -19.75 -0.60
N ILE A 284 9.37 -19.76 -1.94
CA ILE A 284 10.52 -20.32 -2.71
C ILE A 284 11.21 -19.19 -3.45
N ARG A 285 12.44 -18.90 -3.03
CA ARG A 285 13.31 -17.88 -3.67
C ARG A 285 14.67 -17.92 -3.00
N GLU A 286 15.67 -17.34 -3.64
CA GLU A 286 17.00 -17.16 -3.03
C GLU A 286 16.83 -16.12 -1.92
N ASN A 287 17.82 -15.98 -1.05
CA ASN A 287 17.75 -14.97 0.03
C ASN A 287 19.02 -14.11 -0.07
N ASN A 288 19.35 -13.70 -1.31
CA ASN A 288 20.53 -12.86 -1.60
C ASN A 288 20.23 -11.41 -1.23
N ARG A 289 21.24 -10.54 -1.25
CA ARG A 289 21.02 -9.11 -0.90
C ARG A 289 20.04 -8.51 -1.91
N VAL A 290 19.20 -7.59 -1.46
CA VAL A 290 18.19 -6.93 -2.34
C VAL A 290 18.87 -5.77 -3.08
N VAL A 291 18.88 -5.87 -4.42
CA VAL A 291 19.50 -4.83 -5.29
C VAL A 291 18.46 -4.43 -6.32
N ILE A 292 18.24 -3.13 -6.44
CA ILE A 292 17.23 -2.56 -7.37
C ILE A 292 17.88 -1.45 -8.21
N SER A 293 17.27 -1.15 -9.35
CA SER A 293 17.77 -0.03 -10.16
C SER A 293 16.67 0.47 -11.09
N SER A 294 16.85 1.72 -11.52
N SER A 294 16.82 1.71 -11.56
CA SER A 294 15.96 2.36 -12.53
CA SER A 294 15.87 2.31 -12.52
C SER A 294 16.82 2.74 -13.73
C SER A 294 16.68 2.84 -13.72
N ASP A 295 16.42 2.29 -14.91
CA ASP A 295 17.15 2.66 -16.16
C ASP A 295 16.93 4.14 -16.46
N VAL A 296 18.01 4.84 -16.76
CA VAL A 296 17.95 6.30 -17.09
C VAL A 296 18.28 6.48 -18.57
N LEU A 297 17.36 7.10 -19.32
CA LEU A 297 17.60 7.41 -20.76
C LEU A 297 18.44 8.69 -20.81
N VAL A 298 19.57 8.67 -21.50
CA VAL A 298 20.44 9.88 -21.56
C VAL A 298 20.20 10.61 -22.89
N ASN A 299 19.97 11.92 -22.82
CA ASN A 299 19.71 12.80 -24.00
C ASN A 299 20.36 14.18 -23.82
N ASN A 300 20.46 14.93 -24.92
CA ASN A 300 21.01 16.32 -24.91
C ASN A 300 19.97 17.27 -24.33
N PHE B 21 28.06 29.80 2.87
CA PHE B 21 26.60 30.03 2.81
C PHE B 21 25.84 28.70 2.83
N ALA B 22 24.70 28.69 3.54
CA ALA B 22 23.80 27.51 3.63
C ALA B 22 22.38 28.03 3.93
N VAL B 23 21.37 27.47 3.25
CA VAL B 23 19.96 27.90 3.45
C VAL B 23 19.49 27.40 4.83
N ASP B 24 18.85 28.27 5.61
CA ASP B 24 18.33 27.89 6.95
C ASP B 24 16.81 27.69 6.82
N ALA B 25 16.40 26.51 6.35
CA ALA B 25 14.97 26.20 6.13
C ALA B 25 14.20 26.25 7.47
N ALA B 26 14.78 25.68 8.54
CA ALA B 26 14.10 25.67 9.86
C ALA B 26 13.70 27.09 10.26
N LYS B 27 14.65 28.03 10.24
CA LYS B 27 14.37 29.43 10.63
C LYS B 27 13.34 30.03 9.66
N ALA B 28 13.49 29.74 8.36
CA ALA B 28 12.55 30.29 7.36
C ALA B 28 11.12 29.83 7.66
N TYR B 29 10.94 28.55 8.00
CA TYR B 29 9.57 28.03 8.27
C TYR B 29 9.01 28.66 9.56
N LYS B 30 9.84 28.73 10.62
CA LYS B 30 9.41 29.36 11.90
C LYS B 30 9.00 30.82 11.65
N ASP B 31 9.77 31.55 10.85
CA ASP B 31 9.46 32.97 10.53
C ASP B 31 8.16 33.04 9.70
N TYR B 32 7.97 32.09 8.79
CA TYR B 32 6.76 32.01 7.95
C TYR B 32 5.52 31.83 8.84
N LEU B 33 5.59 30.89 9.80
CA LEU B 33 4.47 30.63 10.74
C LEU B 33 4.18 31.88 11.57
N ALA B 34 5.22 32.54 12.06
CA ALA B 34 5.05 33.75 12.89
C ALA B 34 4.36 34.86 12.09
N SER B 35 4.53 34.87 10.75
CA SER B 35 3.94 35.91 9.87
C SER B 35 2.48 35.60 9.51
N GLY B 36 1.95 34.45 9.96
CA GLY B 36 0.56 34.06 9.67
C GLY B 36 0.47 33.07 8.53
N GLY B 37 1.60 32.44 8.18
CA GLY B 37 1.64 31.44 7.08
C GLY B 37 0.85 30.18 7.40
N GLN B 38 0.23 29.57 6.40
CA GLN B 38 -0.55 28.32 6.59
C GLN B 38 0.43 27.16 6.82
N PRO B 39 0.26 26.35 7.89
CA PRO B 39 1.13 25.20 8.11
C PRO B 39 1.20 24.23 6.92
N ILE B 40 2.33 23.53 6.76
CA ILE B 40 2.49 22.54 5.67
C ILE B 40 1.38 21.49 5.81
N THR B 41 0.66 21.26 4.72
CA THR B 41 -0.49 20.31 4.70
C THR B 41 -0.03 18.92 4.24
N ASN B 42 -0.98 17.98 4.24
CA ASN B 42 -0.76 16.61 3.72
C ASN B 42 0.21 15.80 4.58
N CYS B 43 0.40 16.17 5.85
CA CYS B 43 1.09 15.23 6.78
C CYS B 43 0.18 14.00 6.86
N VAL B 44 0.73 12.78 6.79
CA VAL B 44 -0.09 11.55 6.67
C VAL B 44 -0.50 11.03 8.06
N LYS B 45 -1.75 11.29 8.43
CA LYS B 45 -2.24 10.82 9.76
C LYS B 45 -2.62 9.34 9.65
N MET B 46 -2.16 8.55 10.63
CA MET B 46 -2.46 7.10 10.61
C MET B 46 -3.67 6.76 11.47
N LEU B 47 -4.35 5.66 11.10
CA LEU B 47 -5.39 5.07 11.96
C LEU B 47 -4.67 4.22 13.02
N CYS B 48 -5.07 4.33 14.28
CA CYS B 48 -4.41 3.54 15.35
C CYS B 48 -5.35 3.42 16.54
N THR B 49 -4.97 2.66 17.55
CA THR B 49 -5.82 2.41 18.74
C THR B 49 -5.85 3.59 19.70
N HIS B 50 -4.82 4.45 19.67
CA HIS B 50 -4.70 5.57 20.64
C HIS B 50 -4.50 5.00 22.07
N THR B 51 -3.95 3.78 22.16
CA THR B 51 -3.61 3.12 23.45
C THR B 51 -2.11 2.79 23.45
N GLY B 52 -1.32 3.56 22.69
CA GLY B 52 0.14 3.33 22.54
C GLY B 52 0.97 3.92 23.67
N THR B 53 2.29 3.78 23.57
CA THR B 53 3.25 4.23 24.63
C THR B 53 3.29 5.75 24.75
N GLY B 54 2.99 6.48 23.67
CA GLY B 54 3.06 7.96 23.73
C GLY B 54 4.45 8.50 23.44
N GLN B 55 5.42 7.62 23.15
CA GLN B 55 6.79 8.08 22.80
C GLN B 55 6.73 8.94 21.53
N ALA B 56 7.73 9.79 21.33
CA ALA B 56 7.75 10.78 20.23
C ALA B 56 7.92 10.17 18.84
N ILE B 57 8.95 9.34 18.63
CA ILE B 57 9.27 8.77 17.29
C ILE B 57 9.43 7.26 17.48
N THR B 58 8.59 6.48 16.78
CA THR B 58 8.52 5.01 17.01
C THR B 58 8.47 4.24 15.69
N VAL B 59 8.73 2.93 15.76
CA VAL B 59 8.77 2.08 14.54
C VAL B 59 7.34 1.84 14.02
N THR B 60 6.34 2.03 14.88
CA THR B 60 4.91 1.85 14.52
C THR B 60 4.11 2.90 15.27
N PRO B 61 2.87 3.25 14.85
CA PRO B 61 2.07 4.25 15.55
C PRO B 61 1.95 3.91 17.05
N GLU B 62 2.29 4.88 17.89
CA GLU B 62 2.24 4.71 19.37
C GLU B 62 1.45 5.85 20.01
N ALA B 63 0.55 6.49 19.27
CA ALA B 63 -0.25 7.59 19.87
C ALA B 63 -1.01 7.09 21.10
N ASN B 64 -1.05 7.93 22.13
CA ASN B 64 -1.87 7.63 23.33
C ASN B 64 -3.19 8.38 23.10
N MET B 65 -4.04 8.49 24.12
CA MET B 65 -5.36 9.15 23.95
C MET B 65 -5.21 10.66 23.74
N ASP B 66 -4.02 11.22 23.95
CA ASP B 66 -3.80 12.70 23.84
C ASP B 66 -2.99 13.02 22.58
N GLN B 67 -2.84 12.05 21.68
CA GLN B 67 -1.98 12.29 20.50
C GLN B 67 -2.58 11.71 19.21
N GLU B 68 -1.98 12.12 18.10
CA GLU B 68 -2.23 11.61 16.73
C GLU B 68 -0.89 11.06 16.24
N SER B 69 -0.90 9.98 15.46
CA SER B 69 0.33 9.40 14.87
C SER B 69 0.38 9.76 13.39
N PHE B 70 1.56 10.13 12.91
CA PHE B 70 1.73 10.51 11.49
C PHE B 70 2.91 9.77 10.87
N GLY B 71 2.82 9.49 9.56
CA GLY B 71 3.99 8.94 8.84
C GLY B 71 5.13 9.95 8.99
N GLY B 72 6.30 9.50 9.41
CA GLY B 72 7.43 10.40 9.72
C GLY B 72 7.90 11.26 8.56
N ALA B 73 8.15 10.66 7.40
CA ALA B 73 8.69 11.44 6.25
C ALA B 73 7.78 12.63 5.92
N SER B 74 6.46 12.45 5.99
CA SER B 74 5.51 13.54 5.63
C SER B 74 5.55 14.69 6.66
N CYS B 75 6.17 14.46 7.83
CA CYS B 75 6.27 15.51 8.88
C CYS B 75 7.68 16.10 8.96
N CYS B 76 8.57 15.71 8.05
CA CYS B 76 9.97 16.20 8.06
C CYS B 76 10.10 17.40 7.11
N LEU B 77 10.46 18.57 7.65
CA LEU B 77 10.62 19.79 6.80
C LEU B 77 11.60 19.52 5.65
N TYR B 78 12.71 18.82 5.92
CA TYR B 78 13.78 18.60 4.92
C TYR B 78 13.27 17.62 3.85
N CYS B 79 12.61 16.55 4.26
CA CYS B 79 12.01 15.61 3.26
C CYS B 79 10.98 16.36 2.42
N ARG B 80 10.06 17.10 3.05
CA ARG B 80 8.94 17.79 2.33
C ARG B 80 9.44 18.91 1.40
N CYS B 81 10.49 19.65 1.80
CA CYS B 81 10.97 20.79 0.95
C CYS B 81 12.05 20.32 -0.03
N HIS B 82 12.42 19.04 0.03
CA HIS B 82 13.46 18.45 -0.88
C HIS B 82 14.77 19.20 -0.68
N ILE B 83 15.22 19.29 0.57
CA ILE B 83 16.50 19.97 0.90
C ILE B 83 17.35 19.02 1.76
N ASP B 84 18.66 19.29 1.85
CA ASP B 84 19.57 18.42 2.64
C ASP B 84 19.19 18.48 4.12
N HIS B 85 19.34 17.34 4.82
CA HIS B 85 19.11 17.26 6.29
C HIS B 85 20.29 17.90 6.99
N PRO B 86 20.06 18.71 8.05
CA PRO B 86 21.15 19.44 8.71
C PRO B 86 22.07 18.61 9.62
N ASN B 87 22.91 17.77 9.02
CA ASN B 87 23.91 16.96 9.77
C ASN B 87 24.85 16.32 8.75
N PRO B 88 26.14 16.12 9.11
CA PRO B 88 27.14 15.57 8.19
C PRO B 88 26.68 14.49 7.20
N LYS B 89 26.09 13.39 7.70
CA LYS B 89 25.66 12.25 6.82
C LYS B 89 24.28 12.51 6.21
N GLY B 90 23.63 13.63 6.56
CA GLY B 90 22.29 13.94 6.01
C GLY B 90 21.28 12.86 6.34
N PHE B 91 21.34 12.33 7.57
CA PHE B 91 20.42 11.26 8.04
C PHE B 91 19.09 11.88 8.50
N CYS B 92 17.98 11.18 8.24
CA CYS B 92 16.63 11.64 8.67
C CYS B 92 16.17 10.77 9.83
N ASP B 93 15.79 11.40 10.95
N ASP B 93 15.78 11.40 10.95
CA ASP B 93 15.32 10.65 12.15
CA ASP B 93 15.31 10.66 12.14
C ASP B 93 13.82 10.34 12.05
C ASP B 93 13.83 10.29 12.02
N LEU B 94 13.11 10.89 11.06
CA LEU B 94 11.63 10.67 10.94
C LEU B 94 11.26 9.68 9.84
N LYS B 95 11.96 9.72 8.70
CA LYS B 95 11.62 8.86 7.53
C LYS B 95 11.57 7.38 7.94
N GLY B 96 10.49 6.69 7.60
CA GLY B 96 10.37 5.24 7.89
C GLY B 96 9.87 4.97 9.30
N LYS B 97 9.61 6.03 10.06
CA LYS B 97 9.09 5.87 11.45
C LYS B 97 7.77 6.63 11.55
N TYR B 98 7.21 6.65 12.77
CA TYR B 98 5.92 7.34 13.03
C TYR B 98 6.17 8.38 14.13
N VAL B 99 5.65 9.58 13.92
CA VAL B 99 5.83 10.65 14.93
C VAL B 99 4.49 10.90 15.62
N GLN B 100 4.52 10.92 16.95
CA GLN B 100 3.33 11.20 17.79
C GLN B 100 3.29 12.71 18.05
N ILE B 101 2.17 13.34 17.71
CA ILE B 101 1.99 14.81 17.88
C ILE B 101 0.81 15.03 18.80
N PRO B 102 0.94 15.86 19.86
CA PRO B 102 -0.19 16.17 20.72
C PRO B 102 -1.39 16.58 19.87
N THR B 103 -2.58 16.10 20.21
CA THR B 103 -3.80 16.41 19.41
C THR B 103 -3.97 17.92 19.28
N THR B 104 -3.66 18.69 20.34
CA THR B 104 -3.81 20.17 20.31
C THR B 104 -2.82 20.83 19.34
N CYS B 105 -1.79 20.11 18.87
CA CYS B 105 -0.78 20.70 17.96
C CYS B 105 -0.77 19.97 16.61
N ALA B 106 -1.71 19.05 16.40
CA ALA B 106 -1.74 18.20 15.17
C ALA B 106 -2.04 19.01 13.91
N ASN B 107 -2.37 20.31 14.03
CA ASN B 107 -2.63 21.12 12.81
C ASN B 107 -1.31 21.46 12.11
N ASP B 108 -0.16 21.30 12.79
CA ASP B 108 1.16 21.64 12.18
C ASP B 108 2.21 20.65 12.68
N PRO B 109 2.19 19.37 12.23
CA PRO B 109 3.18 18.40 12.67
C PRO B 109 4.63 18.78 12.29
N VAL B 110 4.82 19.38 11.10
CA VAL B 110 6.19 19.76 10.67
C VAL B 110 6.75 20.79 11.66
N GLY B 111 5.93 21.77 12.03
CA GLY B 111 6.39 22.82 12.97
C GLY B 111 6.64 22.24 14.35
N PHE B 112 5.82 21.28 14.77
CA PHE B 112 5.99 20.67 16.11
C PHE B 112 7.32 19.91 16.19
N THR B 113 7.63 19.05 15.20
CA THR B 113 8.88 18.27 15.24
C THR B 113 10.10 19.20 15.15
N LEU B 114 9.94 20.31 14.44
CA LEU B 114 11.02 21.30 14.21
C LEU B 114 11.31 22.11 15.47
N LYS B 115 10.27 22.45 16.25
CA LYS B 115 10.40 23.31 17.46
C LYS B 115 10.56 22.51 18.76
N ASN B 116 10.47 21.18 18.71
CA ASN B 116 10.50 20.39 19.98
C ASN B 116 11.67 19.40 19.98
N THR B 117 12.00 18.89 21.17
CA THR B 117 13.13 17.94 21.34
C THR B 117 12.63 16.68 22.07
N VAL B 118 13.22 15.53 21.68
CA VAL B 118 12.86 14.21 22.28
C VAL B 118 13.80 13.92 23.46
N CYS B 119 13.24 13.46 24.59
CA CYS B 119 14.06 13.08 25.77
C CYS B 119 14.85 11.82 25.44
N THR B 120 16.19 11.90 25.53
CA THR B 120 17.08 10.75 25.22
C THR B 120 16.93 9.65 26.28
N VAL B 121 16.20 9.92 27.38
CA VAL B 121 16.03 8.91 28.46
C VAL B 121 14.71 8.15 28.28
N CYS B 122 13.56 8.84 28.35
CA CYS B 122 12.23 8.18 28.28
C CYS B 122 11.67 8.12 26.85
N GLY B 123 12.24 8.87 25.90
CA GLY B 123 11.74 8.83 24.50
C GLY B 123 10.50 9.69 24.30
N MET B 124 10.05 10.40 25.33
CA MET B 124 8.86 11.28 25.21
C MET B 124 9.31 12.68 24.78
N TRP B 125 8.38 13.49 24.27
CA TRP B 125 8.69 14.89 23.90
C TRP B 125 8.92 15.69 25.18
N LYS B 126 9.95 16.53 25.21
CA LYS B 126 10.15 17.37 26.41
C LYS B 126 9.01 18.40 26.43
N GLY B 127 8.27 18.46 27.55
CA GLY B 127 7.14 19.39 27.72
C GLY B 127 5.83 18.78 27.29
N TYR B 128 5.86 17.57 26.71
CA TYR B 128 4.61 16.91 26.24
C TYR B 128 4.67 15.40 26.51
N GLY B 129 5.08 15.01 27.73
CA GLY B 129 5.12 13.58 28.09
C GLY B 129 6.31 13.23 28.98
N CYS B 130 7.47 13.83 28.73
CA CYS B 130 8.68 13.55 29.55
C CYS B 130 8.49 14.08 30.97
N SER B 131 8.53 13.16 31.95
CA SER B 131 8.38 13.54 33.38
C SER B 131 9.67 13.22 34.15
N CYS B 132 10.82 13.23 33.44
CA CYS B 132 12.13 12.93 34.07
C CYS B 132 12.52 14.01 35.09
N ASP B 133 12.09 15.26 34.85
CA ASP B 133 12.43 16.38 35.76
C ASP B 133 11.82 16.12 37.15
N GLN B 134 10.60 15.58 37.20
CA GLN B 134 9.94 15.27 38.49
C GLN B 134 10.27 13.83 38.90
PA M7G C 1 -12.64 4.55 -14.61
O1A M7G C 1 -12.10 3.28 -15.18
O2A M7G C 1 -11.68 5.67 -14.38
O3A M7G C 1 -13.34 4.16 -13.23
O5' M7G C 1 -13.88 5.06 -15.48
PB M7G C 1 -13.93 5.05 -12.05
O1B M7G C 1 -14.60 6.24 -12.64
O2B M7G C 1 -14.82 4.14 -11.26
O3B M7G C 1 -12.62 5.45 -11.22
C5' M7G C 1 -13.67 5.90 -16.66
C4' M7G C 1 -14.85 6.83 -16.85
O4' M7G C 1 -16.06 6.04 -17.07
C3' M7G C 1 -15.21 7.73 -15.65
O3' M7G C 1 -14.35 8.85 -15.57
C2' M7G C 1 -16.65 8.05 -15.96
O2' M7G C 1 -16.74 8.95 -17.04
C1' M7G C 1 -17.16 6.70 -16.47
N9 M7G C 1 -17.70 5.86 -15.41
C8 M7G C 1 -16.96 4.75 -14.83
N7 M7G C 1 -17.90 4.18 -13.90
CM7 M7G C 1 -17.54 3.10 -13.00
C5 M7G C 1 -19.10 4.87 -13.96
C6 M7G C 1 -20.33 4.66 -13.31
O6 M7G C 1 -20.62 3.79 -12.49
N1 M7G C 1 -21.27 5.60 -13.72
C2 M7G C 1 -21.07 6.60 -14.63
N2 M7G C 1 -22.11 7.40 -14.89
N3 M7G C 1 -19.91 6.78 -15.25
C4 M7G C 1 -18.96 5.90 -14.90
P A2M C 2 -12.42 6.60 -10.14
OP1 A2M C 2 -13.32 6.27 -8.97
O5' A2M C 2 -10.89 6.39 -9.77
C5' A2M C 2 -10.48 5.18 -9.10
C4' A2M C 2 -9.00 5.31 -8.82
O4' A2M C 2 -8.29 5.46 -10.07
C3' A2M C 2 -8.63 6.55 -8.03
O3' A2M C 2 -8.83 6.38 -6.62
C2' A2M C 2 -7.18 6.74 -8.40
O2' A2M C 2 -6.34 5.82 -7.68
C1' A2M C 2 -7.18 6.34 -9.87
CM' A2M C 2 -4.95 6.20 -7.68
N9 A2M C 2 -7.32 7.53 -10.72
C8 A2M C 2 -8.47 8.05 -11.21
N7 A2M C 2 -8.19 9.16 -11.95
C5 A2M C 2 -6.85 9.34 -11.92
C6 A2M C 2 -5.89 10.27 -12.51
N6 A2M C 2 -6.32 11.30 -13.28
N1 A2M C 2 -4.58 10.10 -12.23
C2 A2M C 2 -4.12 9.08 -11.48
N3 A2M C 2 -4.94 8.18 -10.92
C4 A2M C 2 -6.29 8.26 -11.11
OP2 A2M C 2 -12.52 7.97 -10.76
MG MG D . -13.92 7.47 -4.73
CL CL E . -6.56 -17.44 1.28
C FMT F . 16.95 -13.32 -4.31
O1 FMT F . 17.47 -12.95 -3.27
O2 FMT F . 15.67 -13.40 -4.51
N SAH G . -1.03 4.87 -4.17
CA SAH G . -0.97 6.35 -4.09
CB SAH G . -1.88 6.98 -5.16
CG SAH G . -1.47 6.58 -6.56
SD SAH G . -2.07 7.64 -7.92
C SAH G . -1.40 6.78 -2.68
O SAH G . -1.99 7.84 -2.48
OXT SAH G . -1.10 6.03 -1.73
C5' SAH G . -1.60 6.59 -9.33
C4' SAH G . -0.10 6.64 -9.54
O4' SAH G . 0.28 5.72 -10.59
C3' SAH G . 0.41 8.01 -9.97
O3' SAH G . 1.28 8.58 -9.00
C2' SAH G . 1.13 7.74 -11.29
O2' SAH G . 2.27 8.55 -11.47
C1' SAH G . 1.45 6.26 -11.16
N9 SAH G . 1.75 5.62 -12.43
C8 SAH G . 0.94 5.58 -13.54
N7 SAH G . 1.49 4.96 -14.56
C5 SAH G . 2.76 4.62 -14.12
C6 SAH G . 3.85 3.97 -14.74
N6 SAH G . 3.84 3.57 -16.00
N1 SAH G . 4.97 3.80 -14.00
C2 SAH G . 4.98 4.26 -12.75
N3 SAH G . 4.03 4.87 -12.06
C4 SAH G . 2.93 5.03 -12.81
C1 GLC H . -0.82 11.03 -11.38
C2 GLC H . -1.98 12.02 -11.35
C3 GLC H . -1.53 13.42 -10.92
C4 GLC H . -0.50 13.34 -9.80
C5 GLC H . 0.73 12.52 -10.17
C6 GLC H . 1.27 11.79 -8.93
O1 GLC H . -0.89 10.28 -12.60
O2 GLC H . -2.69 12.12 -12.60
O3 GLC H . -2.67 14.15 -10.46
O4 GLC H . -0.08 14.67 -9.46
O5 GLC H . 0.47 11.62 -11.26
O6 GLC H . 2.42 11.00 -9.22
C1 GLC I . -18.87 6.75 5.84
C2 GLC I . -19.57 6.16 7.09
C3 GLC I . -21.09 6.21 7.10
C4 GLC I . -21.60 7.33 6.21
C5 GLC I . -21.09 7.14 4.78
C6 GLC I . -21.62 8.19 3.82
O1 GLC I . -17.90 5.84 5.30
O2 GLC I . -19.16 4.82 7.40
O3 GLC I . -21.46 6.40 8.47
O4 GLC I . -23.04 7.33 6.19
O5 GLC I . -19.67 7.22 4.73
O6 GLC I . -21.14 9.50 4.19
ZN ZN J . 13.61 13.90 6.46
ZN ZN K . 12.27 11.93 29.92
C1 BDF L . -1.36 18.63 8.48
C2 BDF L . -2.77 18.41 7.95
C3 BDF L . -2.92 17.03 7.26
C4 BDF L . -4.30 16.90 6.64
C5 BDF L . -4.58 18.05 5.69
C6 BDF L . -4.33 19.38 6.41
O1 BDF L . -0.39 18.44 7.47
O2 BDF L . -3.69 18.46 9.02
O3 BDF L . -2.69 16.00 8.20
O4 BDF L . -4.40 15.65 5.95
O5 BDF L . -3.72 17.97 4.55
O6 BDF L . -3.03 19.44 7.00
MG MG M . -7.51 14.96 -3.93
#